data_5KIK
#
_entry.id   5KIK
#
_cell.length_a   153.529
_cell.length_b   153.529
_cell.length_c   93.043
_cell.angle_alpha   90.00
_cell.angle_beta   90.00
_cell.angle_gamma   90.00
#
_symmetry.space_group_name_H-M   'P 43 21 2'
#
loop_
_entity.id
_entity.type
_entity.pdbx_description
1 polymer 'CmlA protein'
2 non-polymer 'FE (III) ION'
3 non-polymer 'POTASSIUM ION'
4 non-polymer GLYCEROL
5 water water
#
_entity_poly.entity_id   1
_entity_poly.type   'polypeptide(L)'
_entity_poly.pdbx_seq_one_letter_code
;MGSSHHHHHSSGLVPRGSHMRYSLRQDIAVEPVIAGWYGWSYLLPPQTLARFVHNRFNRIVESYLDDPQVHAAAVRQRRM
HGGPWIHAHEHRDAIEAWYRETAPRRERLDELFEAVRRLEEDILPRHHGECLDPVYQELPAALAGRVEVFYGRDNRTADY
RFVEPLMYASEYYDESWQQVRFRPVTEDAREFALTTPMLEYGPEQLLVNVPLNSPLLDAVFRGGLTGTELDDLAARFGLD
GERAARFASYFEPTPAASEAPAPASSSEEDVLEYVGHACVFARHRGTTFLVDPVLSYSGYPGGAENRFTFADLPERIDHL
LITHNHQDHMLFETLLRIRHRVGRVLVPKSTNASLVDPGLGGILRRLGFTDVVEVDDLETLSCGSAEVVALPFLGEHGDL
RIRSKTGWLIRFGERSVLFAADSTNISPTMYTKVAEVIGPVDTVFIGMESIGAAASWIYGPLYGEPLDRRTDQSRRLNGS
NFPQAREIVDALEPDEVYVYAMGLEPWMGVVMAVDYDESHPAIVDSDLLVRHVQDKGGTAERLHLRRTLRL
;
_entity_poly.pdbx_strand_id   A
#
loop_
_chem_comp.id
_chem_comp.type
_chem_comp.name
_chem_comp.formula
FE non-polymer 'FE (III) ION' 'Fe 3'
GOL non-polymer GLYCEROL 'C3 H8 O3'
K non-polymer 'POTASSIUM ION' 'K 1'
#
# COMPACT_ATOMS: atom_id res chain seq x y z
N HIS A 19 7.83 21.66 -33.09
CA HIS A 19 7.04 22.19 -31.93
C HIS A 19 7.47 21.58 -30.59
N MET A 20 7.74 22.45 -29.63
CA MET A 20 8.32 22.07 -28.33
C MET A 20 7.35 21.14 -27.53
N ARG A 21 7.93 20.19 -26.81
CA ARG A 21 7.17 19.22 -26.01
C ARG A 21 7.56 19.27 -24.55
N TYR A 22 6.56 19.01 -23.70
CA TYR A 22 6.71 19.13 -22.25
C TYR A 22 6.32 17.82 -21.51
N SER A 23 6.93 17.61 -20.35
CA SER A 23 6.68 16.48 -19.49
C SER A 23 6.59 16.92 -18.05
N LEU A 24 5.95 16.10 -17.21
CA LEU A 24 5.73 16.44 -15.80
C LEU A 24 7.08 16.62 -15.18
N ARG A 25 7.28 17.66 -14.38
CA ARG A 25 8.53 17.83 -13.67
C ARG A 25 8.80 16.68 -12.66
N GLN A 26 10.07 16.44 -12.42
CA GLN A 26 10.53 15.38 -11.54
C GLN A 26 10.32 15.74 -10.07
N ASP A 27 10.14 17.03 -9.80
CA ASP A 27 10.01 17.51 -8.45
C ASP A 27 8.58 17.85 -8.12
N ILE A 28 7.65 17.38 -8.95
CA ILE A 28 6.24 17.58 -8.67
C ILE A 28 5.60 16.24 -8.34
N ALA A 29 5.09 16.09 -7.14
CA ALA A 29 4.40 14.86 -6.72
C ALA A 29 2.91 14.97 -7.05
N VAL A 30 2.30 13.87 -7.46
CA VAL A 30 0.86 13.80 -7.70
C VAL A 30 0.25 12.84 -6.67
N GLU A 31 -0.26 13.39 -5.56
CA GLU A 31 -0.80 12.60 -4.45
C GLU A 31 -2.24 12.13 -4.67
N PRO A 32 -2.52 10.85 -4.40
CA PRO A 32 -3.88 10.30 -4.60
C PRO A 32 -4.80 10.63 -3.49
N VAL A 33 -6.07 10.83 -3.80
CA VAL A 33 -7.01 11.23 -2.78
C VAL A 33 -8.30 10.45 -2.93
N ILE A 34 -8.80 9.91 -1.83
CA ILE A 34 -10.07 9.17 -1.87
C ILE A 34 -10.92 9.71 -0.77
N ALA A 35 -12.06 10.28 -1.13
CA ALA A 35 -13.00 10.86 -0.16
C ALA A 35 -12.34 11.79 0.82
N GLY A 36 -11.36 12.56 0.33
CA GLY A 36 -10.75 13.60 1.13
C GLY A 36 -9.49 13.16 1.85
N TRP A 37 -9.15 11.90 1.76
CA TRP A 37 -7.99 11.40 2.52
C TRP A 37 -6.93 10.83 1.61
N TYR A 38 -5.69 10.83 2.07
CA TYR A 38 -4.64 10.30 1.23
C TYR A 38 -4.98 8.84 0.86
N GLY A 39 -4.85 8.49 -0.41
CA GLY A 39 -5.33 7.25 -0.90
C GLY A 39 -4.46 6.05 -0.62
N TRP A 40 -5.11 4.98 -0.17
CA TRP A 40 -4.44 3.67 0.00
C TRP A 40 -5.46 2.56 -0.16
N SER A 41 -4.98 1.32 -0.17
N SER A 41 -5.00 1.31 -0.18
CA SER A 41 -5.76 0.15 -0.58
CA SER A 41 -5.83 0.20 -0.69
C SER A 41 -7.15 0.06 0.02
C SER A 41 -7.18 0.04 0.01
N TYR A 42 -7.21 0.14 1.36
CA TYR A 42 -8.50 -0.11 2.08
C TYR A 42 -9.52 1.04 1.88
N LEU A 43 -9.14 2.11 1.18
CA LEU A 43 -10.11 3.20 0.87
C LEU A 43 -10.84 3.05 -0.42
N LEU A 44 -10.46 2.09 -1.27
CA LEU A 44 -11.11 1.91 -2.57
C LEU A 44 -12.38 1.07 -2.54
N PRO A 45 -12.39 -0.08 -1.85
CA PRO A 45 -13.67 -0.84 -1.79
C PRO A 45 -14.63 -0.09 -0.91
N PRO A 46 -15.88 0.05 -1.34
CA PRO A 46 -16.75 0.91 -0.56
C PRO A 46 -17.03 0.42 0.86
N GLN A 47 -17.21 -0.89 1.00
CA GLN A 47 -17.46 -1.49 2.31
C GLN A 47 -16.37 -1.19 3.31
N THR A 48 -15.11 -1.22 2.88
CA THR A 48 -14.03 -0.91 3.84
C THR A 48 -13.88 0.62 4.00
N LEU A 49 -14.13 1.39 2.94
CA LEU A 49 -14.13 2.88 3.08
C LEU A 49 -15.16 3.33 4.14
N ALA A 50 -16.33 2.71 4.08
CA ALA A 50 -17.42 3.03 5.00
C ALA A 50 -17.02 2.80 6.43
N ARG A 51 -16.27 1.72 6.70
CA ARG A 51 -15.81 1.46 8.07
C ARG A 51 -14.77 2.48 8.48
N PHE A 52 -13.80 2.75 7.61
CA PHE A 52 -12.76 3.73 7.97
C PHE A 52 -13.33 5.16 8.17
N VAL A 53 -14.26 5.58 7.33
CA VAL A 53 -14.87 6.87 7.50
C VAL A 53 -15.62 6.98 8.85
N HIS A 54 -16.48 6.00 9.11
CA HIS A 54 -17.29 5.99 10.31
C HIS A 54 -16.48 5.81 11.56
N ASN A 55 -15.55 4.88 11.56
CA ASN A 55 -14.85 4.56 12.81
C ASN A 55 -13.56 5.27 13.05
N ARG A 56 -12.98 5.86 12.01
CA ARG A 56 -11.67 6.55 12.15
C ARG A 56 -11.77 8.02 11.70
N PHE A 57 -12.07 8.26 10.40
CA PHE A 57 -11.86 9.61 9.88
C PHE A 57 -12.82 10.66 10.47
N ASN A 58 -14.09 10.32 10.65
CA ASN A 58 -15.06 11.27 11.21
C ASN A 58 -14.68 11.63 12.62
N ARG A 59 -14.15 10.67 13.35
CA ARG A 59 -13.68 10.91 14.69
C ARG A 59 -12.47 11.82 14.74
N ILE A 60 -11.58 11.70 13.77
CA ILE A 60 -10.42 12.56 13.76
C ILE A 60 -10.82 14.03 13.47
N VAL A 61 -11.72 14.22 12.51
CA VAL A 61 -12.16 15.55 12.14
C VAL A 61 -12.97 16.19 13.29
N GLU A 62 -13.96 15.48 13.80
CA GLU A 62 -14.78 15.98 14.91
C GLU A 62 -13.93 16.28 16.16
N SER A 63 -12.97 15.43 16.47
CA SER A 63 -12.01 15.74 17.52
C SER A 63 -11.25 17.03 17.22
N TYR A 64 -10.87 17.23 15.96
CA TYR A 64 -10.09 18.41 15.60
C TYR A 64 -10.94 19.69 15.71
N LEU A 65 -12.13 19.65 15.13
CA LEU A 65 -13.04 20.79 15.15
C LEU A 65 -13.54 21.19 16.55
N ASP A 66 -13.29 20.36 17.55
CA ASP A 66 -13.66 20.66 18.93
C ASP A 66 -12.50 21.27 19.69
N ASP A 67 -11.28 20.91 19.33
CA ASP A 67 -10.14 21.62 19.85
C ASP A 67 -8.87 21.47 19.01
N PRO A 68 -8.71 22.36 18.02
CA PRO A 68 -7.55 22.38 17.14
C PRO A 68 -6.20 22.34 17.82
N GLN A 69 -6.14 22.84 19.06
CA GLN A 69 -4.87 22.99 19.79
C GLN A 69 -4.28 21.68 20.25
N VAL A 70 -5.15 20.69 20.50
CA VAL A 70 -4.67 19.34 20.89
C VAL A 70 -3.89 18.73 19.72
N HIS A 71 -4.44 18.89 18.51
CA HIS A 71 -3.80 18.35 17.30
C HIS A 71 -2.52 19.12 17.04
N ALA A 72 -2.58 20.44 17.21
CA ALA A 72 -1.38 21.28 17.10
C ALA A 72 -0.28 20.80 18.05
N ALA A 73 -0.69 20.54 19.29
CA ALA A 73 0.25 20.12 20.33
C ALA A 73 0.83 18.72 20.05
N ALA A 74 -0.01 17.81 19.57
CA ALA A 74 0.49 16.48 19.17
C ALA A 74 1.46 16.56 18.00
N VAL A 75 1.10 17.33 16.98
CA VAL A 75 1.89 17.38 15.75
C VAL A 75 3.25 18.07 16.02
N ARG A 76 3.24 19.03 16.94
CA ARG A 76 4.47 19.67 17.37
C ARG A 76 5.51 18.64 17.85
N GLN A 77 5.08 17.46 18.31
CA GLN A 77 6.00 16.40 18.79
C GLN A 77 6.19 15.18 17.86
N ARG A 78 7.44 14.93 17.47
CA ARG A 78 7.75 13.88 16.50
C ARG A 78 7.35 12.48 16.95
N ARG A 79 7.45 12.20 18.25
CA ARG A 79 7.04 10.88 18.79
C ARG A 79 5.54 10.59 18.57
N MET A 80 4.73 11.61 18.33
CA MET A 80 3.31 11.39 18.13
C MET A 80 2.96 11.19 16.65
N HIS A 81 3.92 11.38 15.74
CA HIS A 81 3.60 11.37 14.29
C HIS A 81 3.18 9.96 13.87
N GLY A 82 2.03 9.85 13.22
CA GLY A 82 1.50 8.53 12.94
C GLY A 82 0.25 8.25 13.74
N GLY A 83 -0.03 9.10 14.73
CA GLY A 83 -1.26 9.02 15.51
C GLY A 83 -2.39 9.73 14.79
N PRO A 84 -3.59 9.73 15.39
CA PRO A 84 -4.78 10.28 14.76
C PRO A 84 -4.80 11.80 14.78
N TRP A 85 -3.83 12.41 14.12
CA TRP A 85 -3.73 13.86 14.18
C TRP A 85 -3.76 14.55 12.82
N ILE A 86 -4.54 15.62 12.71
CA ILE A 86 -4.53 16.48 11.53
C ILE A 86 -3.30 17.38 11.55
N HIS A 87 -2.39 17.14 10.61
CA HIS A 87 -1.16 17.90 10.52
C HIS A 87 -1.36 19.31 9.96
N ALA A 88 -2.43 19.57 9.21
CA ALA A 88 -2.70 20.92 8.72
C ALA A 88 -3.59 21.68 9.69
N HIS A 89 -3.12 21.78 10.94
CA HIS A 89 -3.98 22.26 12.02
C HIS A 89 -4.32 23.76 11.95
N GLU A 90 -3.46 24.55 11.30
CA GLU A 90 -3.70 25.99 11.11
C GLU A 90 -4.84 26.35 10.17
N HIS A 91 -5.52 25.37 9.54
CA HIS A 91 -6.51 25.65 8.48
C HIS A 91 -7.91 25.21 8.86
N ARG A 92 -8.31 25.58 10.06
CA ARG A 92 -9.60 25.18 10.63
C ARG A 92 -10.81 25.44 9.72
N ASP A 93 -10.86 26.61 9.11
CA ASP A 93 -12.06 26.98 8.31
C ASP A 93 -12.20 26.17 7.04
N ALA A 94 -11.08 25.96 6.34
CA ALA A 94 -11.08 25.15 5.12
C ALA A 94 -11.56 23.71 5.46
N ILE A 95 -11.03 23.15 6.53
CA ILE A 95 -11.38 21.82 6.97
C ILE A 95 -12.86 21.76 7.34
N GLU A 96 -13.31 22.75 8.10
CA GLU A 96 -14.70 22.81 8.49
C GLU A 96 -15.62 22.87 7.29
N ALA A 97 -15.30 23.73 6.34
CA ALA A 97 -16.16 23.87 5.14
C ALA A 97 -16.14 22.55 4.32
N TRP A 98 -14.95 21.94 4.23
CA TRP A 98 -14.80 20.68 3.44
C TRP A 98 -15.70 19.65 4.14
N TYR A 99 -15.64 19.62 5.48
CA TYR A 99 -16.41 18.64 6.23
C TYR A 99 -17.90 18.80 6.06
N ARG A 100 -18.37 20.04 6.01
CA ARG A 100 -19.80 20.25 5.86
C ARG A 100 -20.25 20.02 4.42
N GLU A 101 -19.43 20.37 3.43
CA GLU A 101 -19.82 20.14 2.03
C GLU A 101 -19.93 18.66 1.65
N THR A 102 -19.20 17.78 2.34
CA THR A 102 -19.17 16.39 1.95
C THR A 102 -20.13 15.58 2.77
N ALA A 103 -20.95 16.25 3.60
CA ALA A 103 -21.88 15.56 4.49
C ALA A 103 -22.81 14.56 3.76
N PRO A 104 -23.32 14.90 2.58
CA PRO A 104 -24.17 13.92 1.87
C PRO A 104 -23.42 12.66 1.38
N ARG A 105 -22.13 12.78 1.10
CA ARG A 105 -21.32 11.60 0.79
C ARG A 105 -21.14 10.71 2.02
N ARG A 106 -20.93 11.30 3.19
CA ARG A 106 -20.86 10.55 4.43
C ARG A 106 -22.17 9.88 4.76
N GLU A 107 -23.28 10.52 4.45
CA GLU A 107 -24.54 9.90 4.78
C GLU A 107 -24.84 8.75 3.80
N ARG A 108 -24.47 8.88 2.53
CA ARG A 108 -24.68 7.76 1.61
C ARG A 108 -23.86 6.53 2.09
N LEU A 109 -22.62 6.78 2.44
CA LEU A 109 -21.73 5.75 2.89
C LEU A 109 -22.23 5.14 4.21
N ASP A 110 -22.87 5.94 5.07
CA ASP A 110 -23.35 5.44 6.36
C ASP A 110 -24.49 4.48 6.18
N GLU A 111 -25.19 4.58 5.06
CA GLU A 111 -26.20 3.59 4.75
C GLU A 111 -25.58 2.16 4.53
N LEU A 112 -24.43 2.12 3.85
CA LEU A 112 -23.67 0.86 3.70
C LEU A 112 -23.14 0.43 5.03
N PHE A 113 -22.61 1.34 5.84
CA PHE A 113 -22.07 0.99 7.17
C PHE A 113 -23.13 0.32 8.02
N GLU A 114 -24.32 0.90 8.00
CA GLU A 114 -25.40 0.46 8.84
C GLU A 114 -25.92 -0.91 8.36
N ALA A 115 -26.01 -1.07 7.05
CA ALA A 115 -26.42 -2.33 6.47
C ALA A 115 -25.49 -3.46 6.89
N VAL A 116 -24.18 -3.22 6.91
CA VAL A 116 -23.26 -4.27 7.29
C VAL A 116 -23.45 -4.60 8.75
N ARG A 117 -23.49 -3.57 9.61
CA ARG A 117 -23.81 -3.74 11.00
C ARG A 117 -25.09 -4.57 11.20
N ARG A 118 -26.12 -4.27 10.46
CA ARG A 118 -27.36 -5.01 10.65
C ARG A 118 -27.21 -6.48 10.27
N LEU A 119 -26.55 -6.75 9.14
CA LEU A 119 -26.28 -8.12 8.72
C LEU A 119 -25.53 -8.84 9.81
N GLU A 120 -24.43 -8.25 10.29
CA GLU A 120 -23.56 -8.90 11.30
C GLU A 120 -24.18 -9.08 12.70
N GLU A 121 -24.77 -8.02 13.26
CA GLU A 121 -25.31 -8.08 14.61
C GLU A 121 -26.79 -8.57 14.76
N ASP A 122 -27.66 -8.29 13.81
CA ASP A 122 -29.08 -8.55 14.01
C ASP A 122 -29.54 -9.73 13.15
N ILE A 123 -29.01 -9.94 11.94
CA ILE A 123 -29.53 -10.97 11.05
C ILE A 123 -28.79 -12.31 11.26
N LEU A 124 -27.50 -12.33 11.04
CA LEU A 124 -26.78 -13.59 11.06
C LEU A 124 -26.76 -14.31 12.41
N PRO A 125 -26.64 -13.59 13.53
CA PRO A 125 -26.56 -14.41 14.77
C PRO A 125 -27.86 -15.11 15.13
N ARG A 126 -28.96 -14.85 14.43
CA ARG A 126 -30.22 -15.54 14.72
C ARG A 126 -30.26 -16.98 14.19
N HIS A 127 -29.26 -17.43 13.44
CA HIS A 127 -29.27 -18.79 12.90
C HIS A 127 -28.29 -19.73 13.52
N HIS A 128 -28.66 -21.01 13.64
CA HIS A 128 -27.92 -21.93 14.48
C HIS A 128 -27.64 -23.28 13.82
N GLY A 129 -27.76 -23.33 12.50
CA GLY A 129 -27.39 -24.53 11.72
C GLY A 129 -28.37 -24.87 10.63
N GLU A 130 -29.51 -24.21 10.64
CA GLU A 130 -30.53 -24.50 9.66
C GLU A 130 -30.28 -23.71 8.40
N CYS A 131 -31.00 -24.12 7.36
CA CYS A 131 -30.90 -23.51 6.05
C CYS A 131 -30.92 -21.99 6.17
N LEU A 132 -30.02 -21.32 5.43
CA LEU A 132 -29.88 -19.90 5.51
C LEU A 132 -30.66 -19.11 4.46
N ASP A 133 -31.42 -19.78 3.62
CA ASP A 133 -32.23 -19.04 2.63
C ASP A 133 -32.99 -17.80 3.16
N PRO A 134 -33.57 -17.91 4.36
CA PRO A 134 -34.32 -16.73 4.83
C PRO A 134 -33.45 -15.50 5.11
N VAL A 135 -32.14 -15.66 5.31
CA VAL A 135 -31.30 -14.46 5.45
C VAL A 135 -31.40 -13.54 4.24
N TYR A 136 -31.36 -14.12 3.06
CA TYR A 136 -31.32 -13.33 1.86
C TYR A 136 -32.58 -12.44 1.76
N GLN A 137 -33.74 -12.96 2.20
CA GLN A 137 -35.03 -12.23 2.10
C GLN A 137 -35.06 -11.07 3.08
N GLU A 138 -34.24 -11.10 4.11
CA GLU A 138 -34.17 -10.03 5.06
C GLU A 138 -33.07 -9.01 4.82
N LEU A 139 -32.31 -9.11 3.72
CA LEU A 139 -31.12 -8.24 3.61
C LEU A 139 -31.48 -6.78 3.46
N PRO A 140 -30.74 -5.90 4.14
CA PRO A 140 -30.86 -4.49 3.73
C PRO A 140 -30.65 -4.29 2.25
N ALA A 141 -31.30 -3.25 1.72
CA ALA A 141 -31.26 -2.95 0.29
C ALA A 141 -29.82 -2.71 -0.20
N ALA A 142 -29.01 -2.06 0.61
CA ALA A 142 -27.63 -1.75 0.22
C ALA A 142 -26.85 -3.03 -0.13
N LEU A 143 -27.17 -4.13 0.56
CA LEU A 143 -26.50 -5.42 0.38
C LEU A 143 -27.27 -6.48 -0.43
N ALA A 144 -28.52 -6.20 -0.81
CA ALA A 144 -29.29 -7.21 -1.53
C ALA A 144 -28.61 -7.55 -2.82
N GLY A 145 -28.47 -8.84 -3.09
CA GLY A 145 -27.78 -9.29 -4.27
C GLY A 145 -26.26 -9.11 -4.27
N ARG A 146 -25.67 -8.68 -3.14
CA ARG A 146 -24.23 -8.33 -3.15
C ARG A 146 -23.40 -9.02 -2.09
N VAL A 147 -24.00 -10.00 -1.42
CA VAL A 147 -23.31 -10.79 -0.41
C VAL A 147 -23.70 -12.24 -0.61
N GLU A 148 -22.92 -13.11 0.02
CA GLU A 148 -23.22 -14.54 0.09
C GLU A 148 -23.08 -14.88 1.54
N VAL A 149 -24.00 -15.69 2.06
CA VAL A 149 -23.89 -16.14 3.44
C VAL A 149 -23.64 -17.66 3.52
N PHE A 150 -23.16 -18.13 4.66
CA PHE A 150 -22.77 -19.52 4.80
C PHE A 150 -22.36 -19.78 6.22
N TYR A 151 -22.12 -21.06 6.58
CA TYR A 151 -21.72 -21.36 7.90
C TYR A 151 -20.21 -21.63 7.90
N GLY A 152 -19.61 -21.32 9.04
CA GLY A 152 -18.26 -21.69 9.32
C GLY A 152 -18.13 -23.18 9.58
N ARG A 153 -16.93 -23.54 10.03
CA ARG A 153 -16.53 -24.92 10.22
C ARG A 153 -17.40 -25.71 11.24
N ASP A 154 -17.90 -25.04 12.28
CA ASP A 154 -18.82 -25.65 13.28
C ASP A 154 -20.26 -25.88 12.75
N ASN A 155 -20.54 -25.43 11.54
CA ASN A 155 -21.86 -25.62 10.91
C ASN A 155 -23.04 -24.90 11.55
N ARG A 156 -22.77 -24.03 12.53
CA ARG A 156 -23.82 -23.35 13.33
C ARG A 156 -23.70 -21.81 13.37
N THR A 157 -22.46 -21.28 13.30
CA THR A 157 -22.19 -19.84 13.26
C THR A 157 -22.15 -19.25 11.83
N ALA A 158 -23.12 -18.40 11.52
CA ALA A 158 -23.26 -17.88 10.21
C ALA A 158 -22.21 -16.80 9.93
N ASP A 159 -21.81 -16.71 8.66
CA ASP A 159 -20.82 -15.71 8.24
C ASP A 159 -21.17 -15.28 6.82
N TYR A 160 -20.37 -14.41 6.22
CA TYR A 160 -20.72 -13.90 4.90
C TYR A 160 -19.44 -13.44 4.21
N ARG A 161 -19.55 -13.18 2.92
CA ARG A 161 -18.57 -12.37 2.24
C ARG A 161 -19.26 -11.51 1.21
N PHE A 162 -18.51 -10.57 0.64
CA PHE A 162 -19.00 -9.68 -0.40
C PHE A 162 -18.81 -10.28 -1.77
N VAL A 163 -19.78 -10.01 -2.64
CA VAL A 163 -19.59 -10.24 -4.04
C VAL A 163 -18.97 -8.94 -4.53
N GLU A 164 -17.63 -8.93 -4.58
CA GLU A 164 -16.89 -7.72 -4.69
C GLU A 164 -17.18 -6.87 -5.92
N PRO A 165 -17.32 -7.48 -7.10
CA PRO A 165 -17.57 -6.61 -8.26
C PRO A 165 -18.97 -5.97 -8.26
N LEU A 166 -19.94 -6.59 -7.61
CA LEU A 166 -21.25 -5.94 -7.47
C LEU A 166 -21.17 -4.79 -6.46
N MET A 167 -20.27 -4.88 -5.49
CA MET A 167 -20.04 -3.74 -4.59
C MET A 167 -19.41 -2.55 -5.35
N TYR A 168 -18.47 -2.83 -6.24
CA TYR A 168 -17.85 -1.78 -7.05
C TYR A 168 -18.88 -1.21 -8.05
N ALA A 169 -19.77 -2.05 -8.57
CA ALA A 169 -20.86 -1.56 -9.47
C ALA A 169 -21.97 -0.80 -8.70
N SER A 170 -22.03 -0.85 -7.38
CA SER A 170 -23.03 -0.15 -6.61
C SER A 170 -22.74 1.35 -6.49
N GLU A 171 -23.69 2.08 -5.97
CA GLU A 171 -23.56 3.55 -5.84
C GLU A 171 -22.63 3.89 -4.71
N TYR A 172 -22.32 2.94 -3.84
CA TYR A 172 -21.43 3.23 -2.74
C TYR A 172 -19.99 3.37 -3.22
N TYR A 173 -19.67 2.83 -4.39
CA TYR A 173 -18.35 3.05 -4.98
C TYR A 173 -18.48 4.19 -5.97
N ASP A 174 -17.95 5.33 -5.58
CA ASP A 174 -18.17 6.53 -6.37
C ASP A 174 -16.86 7.19 -6.76
N GLU A 175 -16.53 7.03 -8.03
CA GLU A 175 -15.32 7.60 -8.65
C GLU A 175 -15.22 9.12 -8.61
N SER A 176 -16.35 9.81 -8.45
CA SER A 176 -16.33 11.26 -8.38
C SER A 176 -15.81 11.75 -7.04
N TRP A 177 -15.65 10.84 -6.09
N TRP A 177 -15.63 10.84 -6.11
CA TRP A 177 -15.08 11.22 -4.82
CA TRP A 177 -15.13 11.13 -4.78
C TRP A 177 -13.55 11.09 -4.86
C TRP A 177 -13.59 11.04 -4.84
N GLN A 178 -13.02 10.77 -6.02
CA GLN A 178 -11.55 10.62 -6.16
C GLN A 178 -10.91 11.87 -6.77
N GLN A 179 -9.73 12.21 -6.27
CA GLN A 179 -8.97 13.35 -6.75
C GLN A 179 -7.48 13.04 -6.76
N VAL A 180 -6.70 13.91 -7.40
CA VAL A 180 -5.27 14.00 -7.12
C VAL A 180 -4.91 15.41 -6.67
N ARG A 181 -3.85 15.52 -5.89
CA ARG A 181 -3.31 16.81 -5.50
C ARG A 181 -1.87 16.94 -5.97
N PHE A 182 -1.63 17.90 -6.89
CA PHE A 182 -0.29 18.21 -7.40
C PHE A 182 0.41 19.12 -6.38
N ARG A 183 1.66 18.87 -6.05
CA ARG A 183 2.43 19.81 -5.26
C ARG A 183 3.96 19.65 -5.48
N PRO A 184 4.74 20.72 -5.24
CA PRO A 184 6.17 20.53 -5.33
C PRO A 184 6.75 19.70 -4.18
N VAL A 185 7.86 19.07 -4.45
CA VAL A 185 8.59 18.35 -3.45
C VAL A 185 9.94 19.07 -3.32
N THR A 186 10.31 19.42 -2.08
CA THR A 186 11.45 20.31 -1.81
C THR A 186 12.46 19.66 -0.92
N GLU A 187 12.24 18.40 -0.55
CA GLU A 187 13.15 17.66 0.31
C GLU A 187 12.84 16.17 0.31
N ASP A 188 13.82 15.41 0.80
CA ASP A 188 13.76 13.95 0.88
C ASP A 188 12.67 13.48 1.85
N ALA A 189 12.67 14.05 3.05
CA ALA A 189 11.73 13.66 4.08
C ALA A 189 10.31 14.01 3.68
N ARG A 190 9.37 13.16 4.06
CA ARG A 190 7.96 13.40 3.84
C ARG A 190 7.21 13.34 5.16
N GLU A 191 6.23 14.20 5.32
CA GLU A 191 5.45 14.24 6.51
C GLU A 191 4.38 13.12 6.45
N PHE A 192 3.95 12.65 7.61
CA PHE A 192 2.97 11.62 7.68
C PHE A 192 1.64 12.16 7.16
N ALA A 193 1.05 11.45 6.19
CA ALA A 193 -0.05 11.99 5.39
C ALA A 193 -1.41 11.36 5.62
N LEU A 194 -1.49 10.28 6.39
CA LEU A 194 -2.71 9.46 6.35
C LEU A 194 -3.85 9.93 7.19
N THR A 195 -3.62 10.98 7.98
CA THR A 195 -4.64 11.45 8.92
C THR A 195 -5.02 12.92 8.77
N THR A 196 -4.76 13.49 7.60
CA THR A 196 -4.96 14.94 7.35
C THR A 196 -5.80 15.12 6.08
N PRO A 197 -6.90 15.90 6.14
CA PRO A 197 -7.68 15.97 4.89
C PRO A 197 -6.85 16.56 3.76
N MET A 198 -6.97 16.01 2.55
CA MET A 198 -6.13 16.39 1.42
C MET A 198 -6.79 17.56 0.66
N LEU A 199 -6.54 18.76 1.17
CA LEU A 199 -7.09 19.98 0.59
C LEU A 199 -5.97 20.80 0.02
N GLU A 200 -6.39 21.77 -0.79
CA GLU A 200 -5.48 22.71 -1.40
C GLU A 200 -5.13 23.72 -0.31
N TYR A 201 -4.07 23.47 0.44
CA TYR A 201 -3.71 24.29 1.58
C TYR A 201 -2.88 25.51 1.18
N GLY A 202 -2.23 25.45 0.01
CA GLY A 202 -1.39 26.55 -0.46
C GLY A 202 -1.55 26.79 -1.96
N PRO A 203 -1.11 27.98 -2.42
CA PRO A 203 -1.26 28.36 -3.84
C PRO A 203 -0.34 27.56 -4.78
N GLU A 204 0.74 26.98 -4.25
CA GLU A 204 1.56 26.03 -5.01
C GLU A 204 0.90 24.62 -5.30
N GLN A 205 -0.21 24.31 -4.63
CA GLN A 205 -0.85 22.99 -4.73
C GLN A 205 -2.03 23.07 -5.63
N LEU A 206 -2.33 22.00 -6.36
CA LEU A 206 -3.55 21.92 -7.15
C LEU A 206 -4.32 20.61 -6.93
N LEU A 207 -5.58 20.75 -6.50
CA LEU A 207 -6.43 19.61 -6.18
C LEU A 207 -7.37 19.49 -7.34
N VAL A 208 -7.34 18.36 -8.04
CA VAL A 208 -8.15 18.10 -9.25
C VAL A 208 -9.04 16.87 -9.06
N ASN A 209 -10.32 16.98 -9.45
CA ASN A 209 -11.30 15.93 -9.44
C ASN A 209 -11.04 15.02 -10.64
N VAL A 210 -10.69 13.77 -10.38
CA VAL A 210 -10.40 12.82 -11.45
C VAL A 210 -10.34 11.39 -10.87
N PRO A 211 -10.87 10.41 -11.60
CA PRO A 211 -10.77 9.05 -11.11
C PRO A 211 -9.32 8.56 -11.12
N LEU A 212 -8.94 7.82 -10.11
CA LEU A 212 -7.56 7.36 -10.01
C LEU A 212 -7.18 6.48 -11.18
N ASN A 213 -8.16 5.79 -11.78
CA ASN A 213 -7.87 5.01 -12.98
C ASN A 213 -7.89 5.79 -14.29
N SER A 214 -8.00 7.13 -14.28
CA SER A 214 -8.15 7.87 -15.55
C SER A 214 -6.98 7.72 -16.54
N PRO A 215 -7.28 7.49 -17.83
CA PRO A 215 -6.29 7.71 -18.90
C PRO A 215 -5.67 9.16 -18.92
N LEU A 216 -6.42 10.17 -18.47
CA LEU A 216 -5.87 11.54 -18.32
C LEU A 216 -4.63 11.55 -17.43
N LEU A 217 -4.62 10.74 -16.38
CA LEU A 217 -3.42 10.70 -15.51
C LEU A 217 -2.29 10.06 -16.25
N ASP A 218 -2.59 9.04 -17.04
CA ASP A 218 -1.54 8.48 -17.91
C ASP A 218 -0.94 9.50 -18.88
N ALA A 219 -1.78 10.34 -19.46
CA ALA A 219 -1.27 11.42 -20.35
C ALA A 219 -0.34 12.34 -19.63
N VAL A 220 -0.71 12.69 -18.39
CA VAL A 220 0.16 13.45 -17.53
C VAL A 220 1.52 12.81 -17.30
N PHE A 221 1.50 11.54 -16.92
CA PHE A 221 2.74 10.90 -16.52
C PHE A 221 3.58 10.49 -17.73
N ARG A 222 2.96 10.12 -18.83
CA ARG A 222 3.72 9.87 -20.03
C ARG A 222 4.36 11.17 -20.59
N GLY A 223 3.63 12.28 -20.56
CA GLY A 223 4.19 13.53 -21.03
C GLY A 223 4.44 13.57 -22.52
N GLY A 224 5.53 14.20 -22.95
CA GLY A 224 5.74 14.45 -24.37
C GLY A 224 4.64 15.28 -25.05
N LEU A 225 4.02 16.24 -24.35
CA LEU A 225 2.91 17.02 -24.93
C LEU A 225 3.31 18.42 -25.40
N THR A 226 2.71 18.91 -26.49
CA THR A 226 2.95 20.28 -26.89
C THR A 226 2.20 21.19 -25.94
N GLY A 227 2.49 22.48 -26.02
CA GLY A 227 1.76 23.45 -25.19
C GLY A 227 0.26 23.45 -25.38
N THR A 228 -0.17 23.32 -26.63
CA THR A 228 -1.62 23.32 -26.92
C THR A 228 -2.26 21.99 -26.44
N GLU A 229 -1.54 20.87 -26.61
CA GLU A 229 -1.99 19.59 -26.05
C GLU A 229 -2.13 19.67 -24.57
N LEU A 230 -1.24 20.38 -23.90
CA LEU A 230 -1.38 20.56 -22.44
C LEU A 230 -2.65 21.31 -22.07
N ASP A 231 -2.97 22.32 -22.86
CA ASP A 231 -4.24 23.02 -22.67
C ASP A 231 -5.48 22.14 -22.93
N ASP A 232 -5.42 21.27 -23.94
CA ASP A 232 -6.53 20.33 -24.16
C ASP A 232 -6.68 19.46 -22.89
N LEU A 233 -5.56 18.91 -22.41
CA LEU A 233 -5.56 18.08 -21.22
C LEU A 233 -6.08 18.84 -20.01
N ALA A 234 -5.61 20.07 -19.81
CA ALA A 234 -6.14 20.87 -18.70
C ALA A 234 -7.65 21.04 -18.81
N ALA A 235 -8.16 21.22 -20.03
CA ALA A 235 -9.61 21.37 -20.24
C ALA A 235 -10.38 20.07 -19.91
N ARG A 236 -9.85 18.93 -20.32
CA ARG A 236 -10.46 17.63 -19.99
C ARG A 236 -10.51 17.38 -18.47
N PHE A 237 -9.58 17.96 -17.74
CA PHE A 237 -9.60 17.99 -16.28
C PHE A 237 -10.51 19.08 -15.72
N GLY A 238 -11.25 19.80 -16.57
CA GLY A 238 -12.09 20.90 -16.10
C GLY A 238 -11.35 22.09 -15.52
N LEU A 239 -10.14 22.37 -15.97
CA LEU A 239 -9.37 23.45 -15.42
C LEU A 239 -9.44 24.65 -16.40
N ASP A 240 -9.52 25.86 -15.83
CA ASP A 240 -9.50 27.11 -16.57
C ASP A 240 -8.72 28.17 -15.78
N GLY A 241 -8.41 29.29 -16.42
CA GLY A 241 -7.91 30.45 -15.72
C GLY A 241 -6.60 30.14 -15.03
N GLU A 242 -6.41 30.73 -13.87
CA GLU A 242 -5.16 30.59 -13.14
C GLU A 242 -4.87 29.14 -12.73
N ARG A 243 -5.92 28.35 -12.52
CA ARG A 243 -5.80 26.96 -12.14
C ARG A 243 -5.15 26.18 -13.29
N ALA A 244 -5.62 26.43 -14.52
CA ALA A 244 -5.02 25.85 -15.71
C ALA A 244 -3.57 26.31 -15.91
N ALA A 245 -3.26 27.54 -15.53
CA ALA A 245 -1.87 28.03 -15.64
C ALA A 245 -0.99 27.35 -14.64
N ARG A 246 -1.56 27.08 -13.46
CA ARG A 246 -0.80 26.41 -12.42
C ARG A 246 -0.49 24.97 -12.84
N PHE A 247 -1.47 24.32 -13.42
CA PHE A 247 -1.29 22.99 -14.01
C PHE A 247 -0.15 22.98 -15.00
N ALA A 248 -0.21 23.91 -15.95
CA ALA A 248 0.84 24.10 -16.96
C ALA A 248 2.22 24.25 -16.33
N SER A 249 2.32 25.05 -15.27
CA SER A 249 3.62 25.22 -14.60
C SER A 249 4.24 23.95 -13.98
N TYR A 250 3.46 22.86 -13.88
CA TYR A 250 4.01 21.57 -13.42
C TYR A 250 4.81 20.79 -14.47
N PHE A 251 4.87 21.35 -15.68
CA PHE A 251 5.57 20.74 -16.79
C PHE A 251 6.81 21.53 -17.25
N GLU A 252 7.80 20.83 -17.77
CA GLU A 252 9.06 21.40 -18.20
C GLU A 252 9.35 20.81 -19.57
N PRO A 253 10.21 21.49 -20.36
CA PRO A 253 10.57 20.98 -21.68
C PRO A 253 11.09 19.55 -21.58
N THR A 254 10.62 18.66 -22.43
CA THR A 254 10.96 17.24 -22.28
C THR A 254 12.46 17.03 -22.43
N PRO A 255 13.13 16.39 -21.44
CA PRO A 255 14.60 16.17 -21.49
C PRO A 255 15.04 15.01 -22.40
N GLU A 268 20.60 -1.97 -21.24
CA GLU A 268 20.03 -3.28 -21.46
C GLU A 268 21.04 -4.45 -21.25
N GLU A 269 21.64 -4.49 -20.06
CA GLU A 269 22.25 -5.75 -19.56
C GLU A 269 21.95 -5.88 -18.04
N ASP A 270 22.32 -7.01 -17.45
CA ASP A 270 21.72 -7.42 -16.18
C ASP A 270 22.02 -6.50 -14.99
N VAL A 271 21.01 -6.25 -14.15
CA VAL A 271 21.18 -5.57 -12.86
C VAL A 271 20.23 -6.09 -11.79
N LEU A 272 20.64 -5.80 -10.56
CA LEU A 272 19.83 -5.95 -9.40
C LEU A 272 20.10 -4.71 -8.60
N GLU A 273 19.07 -3.90 -8.37
CA GLU A 273 19.26 -2.66 -7.63
C GLU A 273 18.33 -2.46 -6.44
N TYR A 274 18.91 -2.34 -5.24
CA TYR A 274 18.11 -2.00 -4.08
C TYR A 274 17.74 -0.52 -4.19
N VAL A 275 16.44 -0.22 -4.22
CA VAL A 275 16.05 1.17 -4.35
C VAL A 275 15.64 1.86 -3.05
N GLY A 276 14.99 1.15 -2.14
CA GLY A 276 14.52 1.78 -0.90
C GLY A 276 13.43 0.94 -0.24
N HIS A 277 13.38 0.97 1.09
CA HIS A 277 12.48 0.17 1.88
C HIS A 277 12.46 -1.28 1.36
N ALA A 278 11.36 -1.73 0.75
CA ALA A 278 11.25 -3.12 0.24
C ALA A 278 11.35 -3.23 -1.28
N CYS A 279 11.64 -2.10 -1.93
CA CYS A 279 11.63 -1.99 -3.38
C CYS A 279 12.97 -2.37 -3.99
N VAL A 280 12.96 -3.36 -4.87
CA VAL A 280 14.10 -3.78 -5.60
C VAL A 280 13.76 -3.84 -7.07
N PHE A 281 14.71 -3.37 -7.89
CA PHE A 281 14.61 -3.39 -9.35
C PHE A 281 15.58 -4.44 -9.91
N ALA A 282 15.17 -5.20 -10.91
CA ALA A 282 16.06 -6.12 -11.61
C ALA A 282 15.83 -6.07 -13.09
N ARG A 283 16.89 -6.38 -13.84
CA ARG A 283 16.78 -6.68 -15.28
C ARG A 283 17.57 -7.96 -15.59
N HIS A 284 17.01 -8.78 -16.46
CA HIS A 284 17.56 -10.06 -16.76
C HIS A 284 17.17 -10.39 -18.17
N ARG A 285 18.19 -10.52 -19.02
CA ARG A 285 18.02 -10.78 -20.45
C ARG A 285 17.02 -9.83 -21.07
N GLY A 286 17.13 -8.56 -20.70
CA GLY A 286 16.22 -7.54 -21.22
C GLY A 286 14.87 -7.39 -20.50
N THR A 287 14.42 -8.39 -19.73
CA THR A 287 13.12 -8.31 -19.01
C THR A 287 13.31 -7.55 -17.71
N THR A 288 12.43 -6.59 -17.43
CA THR A 288 12.51 -5.82 -16.17
C THR A 288 11.45 -6.20 -15.09
N PHE A 289 11.85 -6.02 -13.84
CA PHE A 289 11.10 -6.43 -12.68
C PHE A 289 11.19 -5.36 -11.60
N LEU A 290 10.07 -5.05 -10.95
CA LEU A 290 10.05 -4.13 -9.82
C LEU A 290 9.16 -4.74 -8.72
N VAL A 291 9.72 -4.87 -7.53
CA VAL A 291 9.03 -5.44 -6.39
C VAL A 291 8.68 -4.34 -5.37
N ASP A 292 7.50 -4.44 -4.75
CA ASP A 292 7.01 -3.54 -3.68
C ASP A 292 7.41 -2.05 -3.89
N PRO A 293 6.94 -1.47 -5.01
CA PRO A 293 7.45 -0.19 -5.52
C PRO A 293 7.30 1.03 -4.60
N VAL A 294 8.42 1.68 -4.35
CA VAL A 294 8.41 3.01 -3.73
C VAL A 294 9.61 3.75 -4.30
N LEU A 295 9.34 4.87 -4.92
CA LEU A 295 10.40 5.70 -5.50
C LEU A 295 10.37 7.07 -4.84
N SER A 296 11.48 7.80 -4.93
CA SER A 296 11.53 9.17 -4.46
C SER A 296 11.70 10.10 -5.68
N TYR A 297 11.70 11.41 -5.42
CA TYR A 297 11.66 12.43 -6.49
C TYR A 297 13.02 13.13 -6.67
N SER A 298 13.16 13.99 -7.66
CA SER A 298 14.42 14.74 -7.82
C SER A 298 14.12 16.07 -8.45
N GLY A 299 15.18 16.83 -8.70
CA GLY A 299 15.08 18.18 -9.24
C GLY A 299 14.97 19.27 -8.17
N TYR A 300 15.33 18.96 -6.94
CA TYR A 300 15.33 19.93 -5.85
C TYR A 300 16.68 19.85 -5.17
N PRO A 301 17.23 20.97 -4.71
CA PRO A 301 18.57 20.89 -4.10
C PRO A 301 18.51 20.36 -2.68
N GLY A 302 19.63 19.84 -2.18
CA GLY A 302 19.76 19.47 -0.75
C GLY A 302 19.43 18.02 -0.46
N GLY A 303 19.04 17.29 -1.49
CA GLY A 303 18.64 15.90 -1.33
C GLY A 303 19.84 14.99 -1.32
N ALA A 304 19.67 13.81 -0.73
CA ALA A 304 20.72 12.81 -0.76
C ALA A 304 21.07 12.41 -2.17
N GLU A 305 22.32 11.98 -2.34
CA GLU A 305 22.88 11.71 -3.63
C GLU A 305 22.73 10.24 -3.98
N ASN A 306 22.67 9.95 -5.28
CA ASN A 306 22.67 8.60 -5.80
C ASN A 306 21.38 7.80 -5.49
N ARG A 307 20.27 8.53 -5.37
CA ARG A 307 18.98 7.89 -5.16
C ARG A 307 18.44 7.31 -6.47
N PHE A 308 17.68 6.23 -6.37
CA PHE A 308 16.99 5.69 -7.55
C PHE A 308 15.61 6.35 -7.52
N THR A 309 15.40 7.30 -8.44
CA THR A 309 14.16 8.07 -8.45
C THR A 309 13.33 7.73 -9.70
N PHE A 310 12.18 8.38 -9.88
CA PHE A 310 11.32 8.07 -11.01
C PHE A 310 12.06 8.20 -12.33
N ALA A 311 12.96 9.18 -12.41
CA ALA A 311 13.66 9.44 -13.68
C ALA A 311 14.58 8.28 -14.01
N ASP A 312 14.96 7.48 -13.04
CA ASP A 312 15.81 6.32 -13.34
C ASP A 312 15.05 5.12 -13.84
N LEU A 313 13.73 5.18 -13.92
CA LEU A 313 13.01 3.99 -14.37
C LEU A 313 13.22 3.73 -15.85
N PRO A 314 13.24 2.45 -16.25
CA PRO A 314 13.23 2.20 -17.67
C PRO A 314 11.87 2.46 -18.32
N GLU A 315 11.85 2.33 -19.64
CA GLU A 315 10.70 2.66 -20.43
C GLU A 315 9.58 1.73 -20.02
N ARG A 316 9.93 0.45 -19.85
CA ARG A 316 8.96 -0.60 -19.52
C ARG A 316 9.33 -1.30 -18.25
N ILE A 317 8.31 -1.55 -17.42
CA ILE A 317 8.45 -2.43 -16.27
C ILE A 317 7.59 -3.65 -16.61
N ASP A 318 8.25 -4.73 -17.03
CA ASP A 318 7.54 -5.86 -17.58
C ASP A 318 6.70 -6.57 -16.51
N HIS A 319 7.27 -6.70 -15.31
CA HIS A 319 6.61 -7.40 -14.22
C HIS A 319 6.74 -6.59 -12.94
N LEU A 320 5.57 -6.21 -12.39
CA LEU A 320 5.49 -5.57 -11.09
C LEU A 320 4.99 -6.60 -10.06
N LEU A 321 5.69 -6.76 -8.95
CA LEU A 321 5.38 -7.79 -7.94
C LEU A 321 5.08 -7.08 -6.64
N ILE A 322 4.00 -7.48 -5.98
CA ILE A 322 3.63 -6.95 -4.70
C ILE A 322 3.51 -8.09 -3.70
N THR A 323 4.21 -8.01 -2.58
CA THR A 323 4.26 -9.11 -1.64
C THR A 323 3.02 -9.16 -0.79
N HIS A 324 2.56 -8.00 -0.34
CA HIS A 324 1.39 -7.97 0.54
C HIS A 324 0.74 -6.62 0.63
N ASN A 325 -0.43 -6.58 1.24
CA ASN A 325 -1.27 -5.37 1.21
C ASN A 325 -1.13 -4.53 2.49
N HIS A 326 0.08 -4.06 2.74
CA HIS A 326 0.40 -3.12 3.79
C HIS A 326 0.85 -1.83 3.08
N GLN A 327 0.59 -0.73 3.77
CA GLN A 327 0.75 0.63 3.26
C GLN A 327 2.16 0.96 2.76
N ASP A 328 3.17 0.26 3.30
CA ASP A 328 4.54 0.55 2.95
C ASP A 328 5.03 -0.33 1.81
N HIS A 329 4.18 -1.24 1.32
CA HIS A 329 4.52 -2.09 0.18
C HIS A 329 3.63 -1.84 -1.03
N MET A 330 2.48 -1.23 -0.81
CA MET A 330 1.76 -0.71 -1.95
C MET A 330 1.23 0.72 -1.84
N LEU A 331 2.05 1.54 -2.47
CA LEU A 331 1.96 2.97 -2.34
C LEU A 331 1.30 3.42 -3.59
N PHE A 332 0.07 3.87 -3.44
CA PHE A 332 -0.69 4.38 -4.54
C PHE A 332 0.05 5.48 -5.32
N GLU A 333 0.76 6.32 -4.62
CA GLU A 333 1.37 7.50 -5.26
C GLU A 333 2.41 7.02 -6.26
N THR A 334 3.22 6.05 -5.84
CA THR A 334 4.21 5.44 -6.73
C THR A 334 3.55 4.62 -7.86
N LEU A 335 2.53 3.85 -7.50
CA LEU A 335 1.86 2.99 -8.46
C LEU A 335 1.23 3.78 -9.60
N LEU A 336 0.56 4.88 -9.27
CA LEU A 336 -0.11 5.66 -10.33
C LEU A 336 0.92 6.28 -11.26
N ARG A 337 2.04 6.72 -10.70
CA ARG A 337 3.04 7.39 -11.51
C ARG A 337 3.74 6.44 -12.51
N ILE A 338 4.00 5.20 -12.10
CA ILE A 338 4.61 4.21 -13.00
C ILE A 338 3.63 3.38 -13.81
N ARG A 339 2.33 3.60 -13.62
CA ARG A 339 1.33 2.68 -14.20
C ARG A 339 1.48 2.51 -15.72
N HIS A 340 1.70 3.63 -16.40
CA HIS A 340 1.76 3.65 -17.88
C HIS A 340 2.94 2.86 -18.41
N ARG A 341 3.92 2.52 -17.57
CA ARG A 341 5.09 1.74 -17.98
C ARG A 341 4.95 0.24 -17.73
N VAL A 342 3.87 -0.16 -17.07
CA VAL A 342 3.76 -1.51 -16.49
C VAL A 342 3.04 -2.50 -17.40
N GLY A 343 3.67 -3.64 -17.57
CA GLY A 343 3.03 -4.70 -18.32
C GLY A 343 2.09 -5.48 -17.41
N ARG A 344 2.67 -6.29 -16.55
CA ARG A 344 1.88 -7.20 -15.76
C ARG A 344 2.15 -7.03 -14.27
N VAL A 345 1.10 -7.18 -13.46
CA VAL A 345 1.21 -7.13 -12.03
C VAL A 345 0.95 -8.52 -11.45
N LEU A 346 1.80 -8.92 -10.51
CA LEU A 346 1.64 -10.18 -9.79
C LEU A 346 1.39 -9.92 -8.32
N VAL A 347 0.42 -10.62 -7.76
CA VAL A 347 0.00 -10.41 -6.40
C VAL A 347 -0.38 -11.76 -5.85
N PRO A 348 -0.41 -11.85 -4.52
CA PRO A 348 -0.92 -13.02 -3.85
C PRO A 348 -2.40 -13.20 -4.05
N LYS A 349 -2.81 -14.44 -4.06
CA LYS A 349 -4.18 -14.80 -4.33
C LYS A 349 -5.05 -14.79 -3.05
N SER A 350 -6.26 -14.22 -3.09
CA SER A 350 -7.25 -14.35 -1.99
C SER A 350 -8.65 -14.32 -2.49
N THR A 351 -9.52 -15.12 -1.92
CA THR A 351 -10.94 -15.02 -2.19
C THR A 351 -11.70 -14.68 -0.95
N ASN A 352 -11.06 -14.26 0.14
CA ASN A 352 -11.79 -13.99 1.39
C ASN A 352 -12.95 -12.98 1.17
N ALA A 353 -12.76 -11.96 0.35
CA ALA A 353 -13.82 -11.01 0.06
C ALA A 353 -14.55 -10.55 1.31
N SER A 354 -13.71 -10.19 2.28
CA SER A 354 -14.09 -9.67 3.57
C SER A 354 -13.62 -8.23 3.79
N LEU A 355 -14.01 -7.64 4.92
CA LEU A 355 -13.55 -6.29 5.28
C LEU A 355 -12.04 -6.26 5.62
N VAL A 356 -11.53 -7.30 6.29
CA VAL A 356 -10.08 -7.29 6.62
C VAL A 356 -9.19 -7.70 5.43
N ASP A 357 -9.78 -8.42 4.48
CA ASP A 357 -9.06 -8.95 3.33
C ASP A 357 -9.84 -8.74 2.02
N PRO A 358 -9.95 -7.49 1.59
CA PRO A 358 -10.52 -7.26 0.24
C PRO A 358 -9.57 -7.67 -0.87
N GLY A 359 -10.13 -8.07 -2.01
CA GLY A 359 -9.33 -8.60 -3.08
C GLY A 359 -8.29 -7.61 -3.64
N LEU A 360 -7.03 -7.98 -3.59
CA LEU A 360 -5.98 -7.11 -4.08
C LEU A 360 -6.07 -6.93 -5.59
N GLY A 361 -6.37 -8.00 -6.30
CA GLY A 361 -6.43 -7.92 -7.71
C GLY A 361 -7.52 -6.98 -8.13
N GLY A 362 -8.69 -7.11 -7.50
CA GLY A 362 -9.79 -6.16 -7.75
C GLY A 362 -9.35 -4.73 -7.45
N ILE A 363 -8.56 -4.52 -6.39
CA ILE A 363 -8.14 -3.17 -6.06
C ILE A 363 -7.21 -2.61 -7.17
N LEU A 364 -6.28 -3.45 -7.62
CA LEU A 364 -5.34 -3.03 -8.66
C LEU A 364 -6.09 -2.74 -9.95
N ARG A 365 -7.06 -3.57 -10.32
CA ARG A 365 -7.87 -3.29 -11.55
C ARG A 365 -8.63 -2.00 -11.43
N ARG A 366 -9.17 -1.67 -10.24
CA ARG A 366 -9.79 -0.35 -10.06
C ARG A 366 -8.83 0.79 -10.14
N LEU A 367 -7.56 0.55 -9.81
CA LEU A 367 -6.54 1.55 -10.08
C LEU A 367 -6.11 1.67 -11.56
N GLY A 368 -6.72 0.91 -12.46
CA GLY A 368 -6.40 0.99 -13.90
C GLY A 368 -5.35 -0.01 -14.36
N PHE A 369 -4.85 -0.87 -13.48
CA PHE A 369 -3.95 -1.94 -13.99
C PHE A 369 -4.79 -3.05 -14.65
N THR A 370 -4.56 -3.31 -15.92
CA THR A 370 -5.39 -4.18 -16.74
C THR A 370 -4.84 -5.61 -16.91
N ASP A 371 -3.62 -5.89 -16.48
CA ASP A 371 -3.09 -7.26 -16.56
C ASP A 371 -2.50 -7.68 -15.21
N VAL A 372 -3.36 -8.25 -14.38
CA VAL A 372 -3.04 -8.59 -13.02
C VAL A 372 -3.23 -10.09 -12.89
N VAL A 373 -2.25 -10.78 -12.31
CA VAL A 373 -2.31 -12.22 -12.12
C VAL A 373 -2.10 -12.50 -10.64
N GLU A 374 -3.00 -13.28 -10.08
CA GLU A 374 -2.90 -13.73 -8.71
C GLU A 374 -2.24 -15.10 -8.65
N VAL A 375 -1.33 -15.31 -7.71
CA VAL A 375 -0.57 -16.56 -7.65
C VAL A 375 -0.66 -17.17 -6.23
N ASP A 376 -0.93 -18.45 -6.15
CA ASP A 376 -1.10 -19.17 -4.91
C ASP A 376 0.22 -19.79 -4.41
N ASP A 377 0.20 -20.29 -3.16
CA ASP A 377 1.38 -20.90 -2.50
C ASP A 377 2.05 -21.89 -3.43
N LEU A 378 3.29 -21.58 -3.75
CA LEU A 378 4.19 -22.47 -4.46
C LEU A 378 3.81 -22.67 -5.90
N GLU A 379 2.92 -21.86 -6.45
CA GLU A 379 2.72 -21.94 -7.90
C GLU A 379 3.82 -21.16 -8.59
N THR A 380 4.08 -21.55 -9.82
CA THR A 380 5.13 -21.00 -10.62
C THR A 380 4.59 -20.34 -11.85
N LEU A 381 5.21 -19.26 -12.27
CA LEU A 381 4.81 -18.56 -13.47
C LEU A 381 6.09 -18.14 -14.23
N SER A 382 6.11 -18.33 -15.55
CA SER A 382 7.28 -17.88 -16.27
C SER A 382 7.11 -16.36 -16.60
N CYS A 383 8.20 -15.62 -16.47
CA CYS A 383 8.18 -14.17 -16.63
C CYS A 383 9.45 -13.80 -17.42
N GLY A 384 9.25 -13.41 -18.69
CA GLY A 384 10.37 -13.16 -19.61
C GLY A 384 11.23 -14.40 -19.62
N SER A 385 12.46 -14.28 -19.16
CA SER A 385 13.39 -15.41 -19.11
C SER A 385 13.51 -16.03 -17.74
N ALA A 386 12.78 -15.51 -16.77
CA ALA A 386 12.92 -15.93 -15.40
C ALA A 386 11.65 -16.71 -15.07
N GLU A 387 11.65 -17.30 -13.90
CA GLU A 387 10.49 -18.02 -13.40
C GLU A 387 10.24 -17.42 -12.04
N VAL A 388 8.96 -17.17 -11.70
CA VAL A 388 8.59 -16.65 -10.39
C VAL A 388 7.80 -17.71 -9.65
N VAL A 389 8.09 -17.86 -8.38
CA VAL A 389 7.40 -18.80 -7.55
C VAL A 389 6.94 -18.02 -6.34
N ALA A 390 5.69 -18.23 -5.95
CA ALA A 390 5.18 -17.64 -4.73
C ALA A 390 5.52 -18.50 -3.52
N LEU A 391 6.01 -17.88 -2.46
CA LEU A 391 6.26 -18.66 -1.24
C LEU A 391 5.34 -18.24 -0.13
N PRO A 392 4.97 -19.20 0.72
CA PRO A 392 4.19 -18.86 1.88
C PRO A 392 4.82 -17.74 2.70
N PHE A 393 3.95 -16.90 3.22
CA PHE A 393 4.28 -15.76 4.02
C PHE A 393 3.27 -15.91 5.11
N LEU A 394 3.76 -16.26 6.28
CA LEU A 394 2.95 -16.27 7.49
C LEU A 394 3.37 -15.18 8.48
N GLY A 395 2.39 -14.79 9.26
CA GLY A 395 2.55 -13.78 10.31
C GLY A 395 2.48 -12.35 9.82
N GLU A 396 2.74 -11.45 10.79
CA GLU A 396 2.81 -9.99 10.62
C GLU A 396 1.45 -9.35 10.27
N HIS A 397 0.36 -10.08 10.48
CA HIS A 397 -0.97 -9.57 10.14
C HIS A 397 -1.90 -9.73 11.29
N GLY A 398 -1.34 -9.65 12.50
CA GLY A 398 -2.12 -9.66 13.72
C GLY A 398 -3.10 -10.81 13.90
N ASP A 399 -2.79 -11.96 13.32
CA ASP A 399 -3.68 -13.10 13.37
C ASP A 399 -5.04 -12.87 12.72
N LEU A 400 -5.12 -11.95 11.78
CA LEU A 400 -6.36 -11.77 11.04
C LEU A 400 -6.39 -12.76 9.89
N ARG A 401 -7.57 -13.07 9.45
CA ARG A 401 -7.76 -13.94 8.32
C ARG A 401 -7.52 -13.17 7.03
N ILE A 402 -6.25 -13.05 6.70
CA ILE A 402 -5.79 -12.33 5.53
C ILE A 402 -4.86 -13.20 4.72
N ARG A 403 -5.30 -13.53 3.50
CA ARG A 403 -4.52 -14.42 2.61
C ARG A 403 -3.65 -13.65 1.62
N SER A 404 -3.84 -12.35 1.55
CA SER A 404 -3.15 -11.51 0.56
C SER A 404 -1.70 -11.17 0.90
N LYS A 405 -0.85 -12.20 0.96
CA LYS A 405 0.53 -12.00 1.32
C LYS A 405 1.34 -13.21 0.82
N THR A 406 2.52 -12.95 0.32
CA THR A 406 3.39 -13.98 -0.19
C THR A 406 4.84 -13.41 -0.28
N GLY A 407 5.83 -14.29 -0.23
CA GLY A 407 7.17 -13.97 -0.73
C GLY A 407 7.28 -14.37 -2.18
N TRP A 408 8.16 -13.70 -2.91
CA TRP A 408 8.41 -14.00 -4.30
C TRP A 408 9.86 -14.51 -4.46
N LEU A 409 9.96 -15.71 -5.00
CA LEU A 409 11.19 -16.27 -5.49
C LEU A 409 11.24 -16.07 -6.99
N ILE A 410 12.29 -15.40 -7.46
CA ILE A 410 12.57 -15.29 -8.86
C ILE A 410 13.85 -16.07 -9.17
N ARG A 411 13.76 -16.98 -10.14
CA ARG A 411 14.91 -17.66 -10.70
C ARG A 411 15.29 -16.96 -12.00
N PHE A 412 16.43 -16.29 -11.96
CA PHE A 412 16.99 -15.63 -13.12
C PHE A 412 18.03 -16.59 -13.63
N GLY A 413 17.66 -17.49 -14.54
CA GLY A 413 18.53 -18.60 -14.91
C GLY A 413 19.01 -19.41 -13.71
N GLU A 414 20.32 -19.54 -13.57
CA GLU A 414 20.94 -20.33 -12.52
C GLU A 414 20.83 -19.66 -11.13
N ARG A 415 20.56 -18.35 -11.12
CA ARG A 415 20.56 -17.57 -9.89
C ARG A 415 19.13 -17.24 -9.35
N SER A 416 18.84 -17.63 -8.12
CA SER A 416 17.53 -17.43 -7.54
C SER A 416 17.55 -16.45 -6.33
N VAL A 417 16.60 -15.50 -6.35
CA VAL A 417 16.50 -14.42 -5.35
C VAL A 417 15.12 -14.43 -4.68
N LEU A 418 15.09 -14.48 -3.36
CA LEU A 418 13.83 -14.45 -2.59
C LEU A 418 13.61 -13.04 -2.01
N PHE A 419 12.48 -12.44 -2.37
CA PHE A 419 12.01 -11.23 -1.71
C PHE A 419 10.94 -11.61 -0.71
N ALA A 420 11.33 -11.61 0.56
CA ALA A 420 10.54 -12.18 1.62
C ALA A 420 9.68 -11.16 2.32
N ALA A 421 9.97 -9.88 2.08
CA ALA A 421 9.26 -8.75 2.69
C ALA A 421 9.20 -8.99 4.18
N ASP A 422 8.00 -8.97 4.80
CA ASP A 422 7.90 -9.06 6.26
C ASP A 422 7.58 -10.50 6.75
N SER A 423 7.87 -11.49 5.92
CA SER A 423 7.80 -12.90 6.29
C SER A 423 8.41 -13.19 7.65
N THR A 424 7.70 -14.02 8.42
CA THR A 424 8.21 -14.47 9.71
C THR A 424 8.41 -15.98 9.77
N ASN A 425 8.97 -16.43 10.89
CA ASN A 425 9.13 -17.86 11.16
C ASN A 425 8.31 -18.30 12.36
N ILE A 426 7.16 -17.71 12.56
CA ILE A 426 6.29 -18.18 13.63
C ILE A 426 5.86 -19.65 13.52
N SER A 427 5.94 -20.23 12.34
CA SER A 427 5.53 -21.61 12.15
C SER A 427 6.81 -22.39 11.91
N PRO A 428 7.36 -22.96 12.95
CA PRO A 428 8.58 -23.71 12.75
C PRO A 428 8.40 -24.92 11.82
N THR A 429 9.46 -25.16 11.08
CA THR A 429 9.59 -26.20 10.07
C THR A 429 9.07 -25.78 8.70
N MET A 430 8.24 -24.75 8.58
CA MET A 430 7.69 -24.47 7.24
C MET A 430 8.78 -24.20 6.20
N TYR A 431 9.75 -23.35 6.50
CA TYR A 431 10.80 -23.09 5.50
C TYR A 431 11.64 -24.34 5.17
N THR A 432 11.73 -25.28 6.10
CA THR A 432 12.43 -26.55 5.80
C THR A 432 11.57 -27.31 4.78
N LYS A 433 10.29 -27.39 5.05
CA LYS A 433 9.37 -28.04 4.10
C LYS A 433 9.32 -27.35 2.77
N VAL A 434 9.40 -26.02 2.77
CA VAL A 434 9.41 -25.29 1.51
C VAL A 434 10.72 -25.56 0.71
N ALA A 435 11.85 -25.52 1.41
CA ALA A 435 13.17 -25.81 0.79
C ALA A 435 13.16 -27.19 0.13
N GLU A 436 12.52 -28.18 0.75
CA GLU A 436 12.40 -29.50 0.12
C GLU A 436 11.66 -29.45 -1.23
N VAL A 437 10.80 -28.44 -1.46
CA VAL A 437 10.10 -28.33 -2.73
C VAL A 437 10.84 -27.42 -3.69
N ILE A 438 11.30 -26.29 -3.22
CA ILE A 438 11.88 -25.33 -4.16
C ILE A 438 13.36 -25.50 -4.44
N GLY A 439 14.08 -26.27 -3.61
CA GLY A 439 15.51 -26.38 -3.82
C GLY A 439 16.26 -25.20 -3.21
N PRO A 440 17.47 -24.92 -3.72
CA PRO A 440 18.35 -23.98 -3.04
C PRO A 440 18.01 -22.52 -3.39
N VAL A 441 18.19 -21.57 -2.48
CA VAL A 441 18.12 -20.17 -2.89
C VAL A 441 19.46 -19.45 -2.62
N ASP A 442 19.90 -18.67 -3.60
CA ASP A 442 21.18 -17.97 -3.53
C ASP A 442 21.13 -16.70 -2.72
N THR A 443 20.10 -15.86 -2.92
CA THR A 443 20.04 -14.56 -2.25
C THR A 443 18.68 -14.36 -1.56
N VAL A 444 18.70 -13.73 -0.39
CA VAL A 444 17.48 -13.49 0.36
C VAL A 444 17.51 -12.05 0.80
N PHE A 445 16.46 -11.32 0.41
CA PHE A 445 16.09 -10.05 1.03
C PHE A 445 15.00 -10.34 2.08
N ILE A 446 15.23 -9.90 3.32
CA ILE A 446 14.36 -10.23 4.44
C ILE A 446 14.19 -8.98 5.27
N GLY A 447 12.98 -8.73 5.73
CA GLY A 447 12.67 -7.57 6.55
C GLY A 447 12.87 -7.98 7.99
N MET A 448 13.18 -7.02 8.84
CA MET A 448 13.36 -7.33 10.26
C MET A 448 12.76 -6.26 11.13
N GLU A 449 11.53 -5.86 10.81
CA GLU A 449 10.83 -4.90 11.62
C GLU A 449 10.18 -5.65 12.77
N SER A 450 10.99 -6.09 13.74
CA SER A 450 10.52 -7.05 14.77
C SER A 450 9.57 -6.47 15.79
N ILE A 451 9.47 -5.15 15.86
CA ILE A 451 8.50 -4.49 16.71
C ILE A 451 7.65 -3.62 15.81
N GLY A 452 6.38 -4.01 15.70
CA GLY A 452 5.50 -3.42 14.75
C GLY A 452 4.38 -2.81 15.52
N ALA A 453 3.52 -2.14 14.78
CA ALA A 453 2.37 -1.49 15.32
C ALA A 453 1.36 -2.53 15.85
N ALA A 454 0.50 -2.08 16.75
CA ALA A 454 -0.68 -2.81 17.14
C ALA A 454 -1.54 -3.04 15.91
N ALA A 455 -2.06 -4.24 15.76
CA ALA A 455 -2.96 -4.54 14.64
C ALA A 455 -4.16 -3.60 14.61
N SER A 456 -4.69 -3.21 15.77
CA SER A 456 -5.86 -2.34 15.78
C SER A 456 -5.52 -0.95 15.25
N TRP A 457 -4.24 -0.56 15.25
CA TRP A 457 -3.90 0.75 14.70
C TRP A 457 -4.19 0.74 13.19
N ILE A 458 -3.79 -0.32 12.46
CA ILE A 458 -4.03 -0.42 11.04
C ILE A 458 -5.45 -0.88 10.71
N TYR A 459 -5.94 -1.91 11.43
CA TYR A 459 -7.12 -2.64 11.04
C TYR A 459 -8.34 -2.43 11.92
N GLY A 460 -8.16 -1.79 13.07
CA GLY A 460 -9.21 -1.63 14.09
C GLY A 460 -10.51 -1.05 13.56
N PRO A 461 -10.43 -0.04 12.72
CA PRO A 461 -11.70 0.48 12.15
C PRO A 461 -12.52 -0.55 11.37
N LEU A 462 -11.91 -1.65 10.96
CA LEU A 462 -12.62 -2.68 10.22
C LEU A 462 -13.31 -3.70 11.12
N TYR A 463 -12.94 -3.75 12.39
CA TYR A 463 -13.52 -4.70 13.31
C TYR A 463 -15.00 -4.41 13.57
N GLY A 464 -15.74 -5.40 14.00
CA GLY A 464 -17.16 -5.22 14.43
C GLY A 464 -17.30 -4.50 15.77
N GLU A 465 -16.28 -4.60 16.64
CA GLU A 465 -16.27 -4.05 18.02
C GLU A 465 -14.83 -4.19 18.55
N PRO A 466 -14.46 -3.44 19.57
CA PRO A 466 -13.07 -3.64 19.96
C PRO A 466 -12.87 -4.88 20.81
N LEU A 467 -11.66 -5.42 20.82
CA LEU A 467 -11.27 -6.36 21.86
C LEU A 467 -11.10 -5.58 23.17
N ASP A 468 -11.16 -6.26 24.29
CA ASP A 468 -10.64 -5.66 25.53
C ASP A 468 -9.18 -5.22 25.29
N ARG A 469 -8.75 -4.14 25.94
CA ARG A 469 -7.48 -3.46 25.61
C ARG A 469 -6.23 -4.31 25.86
N ARG A 470 -6.21 -5.07 26.94
CA ARG A 470 -4.97 -5.84 27.21
C ARG A 470 -4.79 -7.00 26.23
N THR A 471 -5.91 -7.61 25.80
CA THR A 471 -5.87 -8.65 24.77
C THR A 471 -5.37 -8.05 23.44
N ASP A 472 -5.97 -6.93 23.05
CA ASP A 472 -5.58 -6.21 21.84
C ASP A 472 -4.13 -5.89 21.75
N GLN A 473 -3.52 -5.53 22.88
CA GLN A 473 -2.10 -5.21 22.94
C GLN A 473 -1.21 -6.34 22.49
N SER A 474 -1.63 -7.60 22.70
CA SER A 474 -0.82 -8.76 22.27
C SER A 474 -0.88 -8.95 20.74
N ARG A 475 -1.82 -8.31 20.06
CA ARG A 475 -1.97 -8.48 18.59
C ARG A 475 -1.24 -7.41 17.82
N ARG A 476 -0.06 -7.77 17.33
CA ARG A 476 0.83 -6.86 16.66
C ARG A 476 1.20 -7.29 15.25
N LEU A 477 1.73 -6.32 14.52
CA LEU A 477 2.23 -6.50 13.20
C LEU A 477 3.76 -6.58 13.19
N ASN A 478 4.30 -7.64 13.80
CA ASN A 478 5.75 -7.92 13.86
C ASN A 478 6.26 -8.78 12.72
N GLY A 479 7.39 -8.38 12.16
CA GLY A 479 8.19 -9.22 11.29
C GLY A 479 9.21 -10.05 12.04
N SER A 480 10.14 -10.62 11.33
CA SER A 480 11.16 -11.43 11.95
C SER A 480 12.09 -10.64 12.90
N ASN A 481 12.25 -11.17 14.10
CA ASN A 481 13.39 -10.83 14.95
C ASN A 481 14.55 -11.75 14.59
N PHE A 482 15.61 -11.74 15.41
CA PHE A 482 16.85 -12.44 15.05
C PHE A 482 16.73 -13.97 14.99
N PRO A 483 16.19 -14.59 16.04
CA PRO A 483 16.12 -16.05 15.93
C PRO A 483 15.23 -16.50 14.74
N GLN A 484 14.19 -15.73 14.46
CA GLN A 484 13.26 -16.08 13.35
C GLN A 484 13.96 -15.99 12.01
N ALA A 485 14.64 -14.86 11.77
CA ALA A 485 15.43 -14.70 10.53
C ALA A 485 16.52 -15.76 10.35
N ARG A 486 17.18 -16.09 11.47
CA ARG A 486 18.27 -17.06 11.49
C ARG A 486 17.76 -18.39 10.98
N GLU A 487 16.60 -18.80 11.47
CA GLU A 487 16.03 -20.09 11.06
C GLU A 487 15.67 -20.08 9.58
N ILE A 488 15.16 -18.96 9.11
CA ILE A 488 14.81 -18.88 7.68
C ILE A 488 16.04 -18.99 6.79
N VAL A 489 17.05 -18.20 7.10
CA VAL A 489 18.31 -18.25 6.37
C VAL A 489 18.91 -19.64 6.48
N ASP A 490 18.88 -20.22 7.68
CA ASP A 490 19.43 -21.57 7.83
C ASP A 490 18.66 -22.56 6.97
N ALA A 491 17.33 -22.44 6.88
CA ALA A 491 16.58 -23.42 6.10
C ALA A 491 16.85 -23.25 4.63
N LEU A 492 17.05 -22.02 4.20
CA LEU A 492 17.17 -21.77 2.76
C LEU A 492 18.60 -21.73 2.24
N GLU A 493 19.56 -21.41 3.12
CA GLU A 493 21.02 -21.55 2.79
C GLU A 493 21.44 -20.58 1.70
N PRO A 494 21.07 -19.32 1.81
CA PRO A 494 21.59 -18.47 0.75
C PRO A 494 23.05 -18.10 1.03
N ASP A 495 23.75 -17.61 0.00
CA ASP A 495 25.10 -17.03 0.11
C ASP A 495 25.07 -15.56 0.49
N GLU A 496 24.06 -14.82 -0.01
CA GLU A 496 23.88 -13.40 0.32
C GLU A 496 22.54 -13.19 1.02
N VAL A 497 22.56 -12.37 2.04
CA VAL A 497 21.40 -12.06 2.82
C VAL A 497 21.44 -10.56 3.00
N TYR A 498 20.38 -9.88 2.61
CA TYR A 498 20.29 -8.45 2.80
C TYR A 498 19.09 -8.18 3.67
N VAL A 499 19.27 -7.44 4.76
CA VAL A 499 18.09 -6.98 5.46
C VAL A 499 17.63 -5.66 4.85
N TYR A 500 16.31 -5.57 4.64
CA TYR A 500 15.71 -4.47 3.89
C TYR A 500 14.39 -4.14 4.53
N ALA A 501 13.59 -3.29 3.90
CA ALA A 501 12.23 -3.06 4.40
C ALA A 501 12.22 -2.62 5.84
N MET A 502 13.16 -1.74 6.18
CA MET A 502 13.33 -1.26 7.57
C MET A 502 12.75 0.12 7.87
N GLY A 503 12.21 0.79 6.85
CA GLY A 503 11.56 2.10 7.07
C GLY A 503 12.52 3.27 7.36
N LEU A 504 13.77 3.16 6.90
CA LEU A 504 14.83 4.10 7.21
C LEU A 504 14.84 5.31 6.26
N GLU A 505 14.50 5.10 4.99
CA GLU A 505 14.50 6.19 4.00
C GLU A 505 13.52 7.28 4.46
N PRO A 506 13.92 8.55 4.38
CA PRO A 506 13.05 9.63 4.83
C PRO A 506 11.70 9.75 4.09
N TRP A 507 11.62 9.37 2.83
CA TRP A 507 10.37 9.52 2.08
C TRP A 507 9.25 8.55 2.51
N MET A 508 9.61 7.51 3.25
CA MET A 508 8.64 6.60 3.86
C MET A 508 7.86 7.23 4.99
N GLY A 509 8.23 8.44 5.43
CA GLY A 509 7.44 9.17 6.42
C GLY A 509 5.98 9.43 5.99
N VAL A 510 5.71 9.38 4.69
CA VAL A 510 4.33 9.55 4.22
C VAL A 510 3.38 8.59 4.95
N VAL A 511 3.88 7.40 5.20
CA VAL A 511 3.07 6.28 5.59
C VAL A 511 3.53 5.64 6.93
N MET A 512 4.66 6.03 7.45
CA MET A 512 5.09 5.48 8.77
C MET A 512 6.04 6.40 9.54
N ALA A 513 6.17 6.20 10.85
CA ALA A 513 7.06 7.02 11.70
C ALA A 513 8.53 6.60 11.49
N VAL A 514 9.39 7.53 11.09
CA VAL A 514 10.78 7.21 10.63
C VAL A 514 11.90 7.65 11.61
N ASP A 515 11.74 7.42 12.93
CA ASP A 515 12.74 7.86 13.95
C ASP A 515 13.69 6.76 14.42
N TYR A 516 14.98 6.93 14.13
CA TYR A 516 15.96 5.83 14.23
C TYR A 516 17.14 6.05 15.20
N ASP A 517 17.51 4.99 15.92
CA ASP A 517 18.72 4.95 16.75
C ASP A 517 19.26 3.51 16.85
N GLU A 518 20.57 3.36 17.01
CA GLU A 518 21.17 2.03 17.07
C GLU A 518 20.85 1.21 18.34
N SER A 519 20.14 1.80 19.31
CA SER A 519 19.61 1.03 20.42
C SER A 519 18.35 0.27 20.05
N HIS A 520 17.69 0.65 18.93
CA HIS A 520 16.41 0.03 18.58
C HIS A 520 16.60 -1.47 18.49
N PRO A 521 15.80 -2.25 19.24
CA PRO A 521 15.85 -3.72 19.19
C PRO A 521 15.93 -4.28 17.76
N ALA A 522 15.14 -3.70 16.85
CA ALA A 522 15.19 -4.05 15.42
C ALA A 522 16.61 -3.93 14.80
N ILE A 523 17.32 -2.87 15.16
CA ILE A 523 18.65 -2.63 14.60
C ILE A 523 19.67 -3.63 15.19
N VAL A 524 19.52 -3.88 16.48
CA VAL A 524 20.41 -4.82 17.17
C VAL A 524 20.23 -6.22 16.58
N ASP A 525 18.96 -6.64 16.47
CA ASP A 525 18.62 -7.96 15.94
C ASP A 525 19.10 -8.15 14.51
N SER A 526 19.05 -7.10 13.69
CA SER A 526 19.64 -7.19 12.34
C SER A 526 21.18 -7.29 12.34
N ASP A 527 21.82 -6.67 13.33
CA ASP A 527 23.28 -6.78 13.45
C ASP A 527 23.67 -8.21 13.78
N LEU A 528 22.98 -8.82 14.73
CA LEU A 528 23.14 -10.27 15.01
C LEU A 528 22.94 -11.13 13.76
N LEU A 529 21.90 -10.86 12.98
CA LEU A 529 21.66 -11.69 11.80
C LEU A 529 22.80 -11.57 10.79
N VAL A 530 23.21 -10.34 10.55
CA VAL A 530 24.32 -10.09 9.64
C VAL A 530 25.59 -10.85 10.11
N ARG A 531 25.87 -10.83 11.42
CA ARG A 531 27.06 -11.54 11.94
C ARG A 531 26.94 -13.04 11.74
N HIS A 532 25.82 -13.60 12.20
CA HIS A 532 25.50 -15.00 12.01
C HIS A 532 25.83 -15.48 10.60
N VAL A 533 25.52 -14.67 9.61
CA VAL A 533 25.66 -15.11 8.22
C VAL A 533 27.11 -14.99 7.79
N GLN A 534 27.75 -13.91 8.21
CA GLN A 534 29.18 -13.71 7.98
C GLN A 534 29.95 -14.90 8.55
N ASP A 535 29.62 -15.27 9.78
CA ASP A 535 30.27 -16.40 10.47
C ASP A 535 30.00 -17.75 9.89
N LYS A 536 29.13 -17.85 8.89
CA LYS A 536 28.94 -19.10 8.19
C LYS A 536 29.57 -19.07 6.82
N GLY A 537 30.23 -17.97 6.46
CA GLY A 537 30.91 -17.89 5.16
C GLY A 537 30.17 -17.08 4.12
N GLY A 538 28.95 -16.64 4.41
CA GLY A 538 28.21 -15.83 3.43
C GLY A 538 28.41 -14.33 3.59
N THR A 539 27.88 -13.57 2.62
CA THR A 539 27.80 -12.12 2.68
C THR A 539 26.47 -11.62 3.27
N ALA A 540 26.51 -10.56 4.04
CA ALA A 540 25.29 -10.03 4.63
C ALA A 540 25.42 -8.56 4.93
N GLU A 541 24.29 -7.87 4.86
CA GLU A 541 24.28 -6.43 5.11
C GLU A 541 22.85 -5.92 5.31
N ARG A 542 22.64 -5.03 6.26
CA ARG A 542 21.43 -4.22 6.30
C ARG A 542 21.57 -3.06 5.31
N LEU A 543 20.72 -2.99 4.29
CA LEU A 543 20.82 -1.92 3.31
C LEU A 543 20.14 -0.65 3.82
N HIS A 544 20.79 0.47 3.53
CA HIS A 544 20.44 1.78 4.09
C HIS A 544 19.90 2.70 3.00
N LEU A 545 20.58 2.73 1.86
CA LEU A 545 20.23 3.60 0.77
C LEU A 545 20.57 2.84 -0.48
N ARG A 546 20.30 3.44 -1.62
CA ARG A 546 20.49 2.77 -2.87
C ARG A 546 21.75 1.91 -2.98
N ARG A 547 21.66 0.72 -3.57
CA ARG A 547 22.84 -0.12 -3.79
C ARG A 547 22.69 -0.99 -5.02
N THR A 548 23.65 -0.88 -5.94
CA THR A 548 23.76 -1.79 -7.08
C THR A 548 24.36 -3.11 -6.61
N LEU A 549 23.98 -4.22 -7.23
CA LEU A 549 24.26 -5.53 -6.66
C LEU A 549 24.56 -6.59 -7.71
N ARG A 550 25.02 -7.74 -7.21
CA ARG A 550 25.28 -8.94 -8.00
C ARG A 550 24.16 -9.30 -9.01
N LEU A 551 23.16 -10.03 -8.53
CA LEU A 551 22.12 -10.73 -9.34
C LEU A 551 22.43 -12.24 -9.37
FE FE B . 3.92 -5.73 6.41
FE FE C . 6.47 -3.66 5.85
K K D . -20.14 2.42 -8.98
C1 GOL E . -1.76 1.29 -18.78
O1 GOL E . -2.24 2.37 -17.96
C2 GOL E . -2.32 -0.04 -18.30
O2 GOL E . -2.31 -0.94 -19.41
C3 GOL E . -1.49 -0.63 -17.15
O3 GOL E . -1.86 -1.97 -16.87
C1 GOL F . -30.23 0.36 -2.31
O1 GOL F . -29.69 1.00 -1.13
C2 GOL F . -29.22 0.44 -3.45
O2 GOL F . -27.94 0.42 -2.88
C3 GOL F . -29.24 -0.69 -4.47
O3 GOL F . -30.50 -0.79 -5.11
#